data_3SS1
#
_entry.id   3SS1
#
_cell.length_a   141.908
_cell.length_b   141.908
_cell.length_c   65.946
_cell.angle_alpha   90.00
_cell.angle_beta   90.00
_cell.angle_gamma   120.00
#
_symmetry.space_group_name_H-M   'P 65'
#
loop_
_entity.id
_entity.type
_entity.pdbx_description
1 polymer 'Toxin A'
2 non-polymer 'MANGANESE (II) ION'
3 water water
#
_entity_poly.entity_id   1
_entity_poly.type   'polypeptide(L)'
_entity_poly.pdbx_seq_one_letter_code
;MSLISKEELIKLAYSIRPRENEYKTILTNLDEYNKLTTNNNENKYLQLKKLNESIDVFMNKYKTSSRNRALSNLKKDILK
EVILIKNSNTSPVEKNLHFVWIGGEVSDIALEYIKQWADINAEYNIKLWYDSEAFLVNTLKKAIVESSTTEALQLLEEEI
QNPQFDNMKFYKKRMEFIYDRQKRFINYYKSQINKPTVPTIDDIIKSHLVSEYNRDETVLESYRTNSLRKINSNHGIDIR
ANSLFTEQELLNIYSQELLNRGNLAAASDIVRLLALKNFGGVYLDVDMLPGIHSDLFKTISRPSSIGLDRWEMIKLEAIM
KYKKYINNYTSENFDKLDQQLKDNFKLIIESKSEKSEIFSKLENLNVSDLEIKIAFALGSVINQALISKQGSYLTNLVIE
QVKNRYQFLNQHLNPAIESDNNFTDTTKIFHDSLFNSATAENSMFLTKIAPYLQVGFMPEARSTISLSGPGAYASAYYDF
INLQENTIEKTLKASDLIEFKFPENNLSQLTEQEINSLWSFDQASAKYQFEKYVRDYTGGSLHAGLRGSHHHHHH
;
_entity_poly.pdbx_strand_id   A
#
loop_
_chem_comp.id
_chem_comp.type
_chem_comp.name
_chem_comp.formula
MN non-polymer 'MANGANESE (II) ION' 'Mn 2'
#
# COMPACT_ATOMS: atom_id res chain seq x y z
N SER A 2 22.34 19.30 14.95
CA SER A 2 22.47 20.76 14.89
C SER A 2 23.43 21.15 13.78
N LEU A 3 23.29 22.38 13.29
CA LEU A 3 24.05 22.86 12.14
C LEU A 3 25.11 23.86 12.59
N ILE A 4 26.12 24.05 11.76
CA ILE A 4 27.14 25.06 12.06
C ILE A 4 26.47 26.42 12.19
N SER A 5 27.02 27.24 13.07
CA SER A 5 26.54 28.61 13.21
C SER A 5 26.81 29.38 11.92
N LYS A 6 26.09 30.48 11.76
CA LYS A 6 26.30 31.42 10.66
C LYS A 6 27.76 31.88 10.65
N GLU A 7 28.30 32.16 11.83
CA GLU A 7 29.69 32.58 11.96
C GLU A 7 30.66 31.56 11.38
N GLU A 8 30.43 30.29 11.68
CA GLU A 8 31.26 29.22 11.13
C GLU A 8 31.18 29.15 9.61
N LEU A 9 29.97 29.27 9.06
CA LEU A 9 29.81 29.27 7.61
C LEU A 9 30.58 30.44 7.00
N ILE A 10 30.47 31.61 7.60
CA ILE A 10 31.18 32.76 7.07
C ILE A 10 32.67 32.43 6.94
N LYS A 11 33.26 31.90 8.01
CA LYS A 11 34.66 31.54 8.00
C LYS A 11 34.96 30.47 6.93
N LEU A 12 34.16 29.42 6.90
CA LEU A 12 34.35 28.29 5.98
C LEU A 12 34.27 28.68 4.51
N ALA A 13 33.25 29.48 4.19
CA ALA A 13 33.01 29.89 2.80
C ALA A 13 33.68 31.22 2.45
N TYR A 14 34.52 31.75 3.34
CA TYR A 14 35.14 33.03 3.10
C TYR A 14 35.81 33.10 1.73
N SER A 15 35.72 34.25 1.07
CA SER A 15 36.48 34.45 -0.16
C SER A 15 36.77 35.91 -0.47
N ILE A 16 37.63 36.11 -1.47
CA ILE A 16 38.07 37.43 -1.89
C ILE A 16 36.90 38.25 -2.45
N ARG A 17 35.79 37.57 -2.72
CA ARG A 17 34.63 38.23 -3.32
C ARG A 17 33.63 38.73 -2.28
N PRO A 18 32.86 39.75 -2.62
CA PRO A 18 31.76 40.21 -1.77
C PRO A 18 30.62 39.18 -1.66
N ARG A 19 29.93 39.18 -0.52
CA ARG A 19 28.83 38.26 -0.30
C ARG A 19 27.67 38.54 -1.24
N GLU A 20 27.41 37.60 -2.15
CA GLU A 20 26.29 37.71 -3.07
C GLU A 20 25.01 37.80 -2.26
N ASN A 21 24.00 38.47 -2.83
CA ASN A 21 22.68 38.58 -2.19
C ASN A 21 22.13 37.22 -1.79
N GLU A 22 22.28 36.25 -2.68
CA GLU A 22 21.77 34.91 -2.46
C GLU A 22 22.57 34.22 -1.35
N TYR A 23 23.80 34.67 -1.13
CA TYR A 23 24.61 34.12 -0.04
C TYR A 23 24.13 34.69 1.30
N LYS A 24 23.87 35.99 1.34
CA LYS A 24 23.34 36.62 2.54
C LYS A 24 22.03 35.93 2.98
N THR A 25 21.22 35.53 2.00
CA THR A 25 19.95 34.88 2.33
C THR A 25 20.19 33.54 3.01
N ILE A 26 21.13 32.78 2.49
CA ILE A 26 21.54 31.51 3.10
C ILE A 26 21.98 31.73 4.54
N LEU A 27 22.85 32.71 4.76
CA LEU A 27 23.34 33.02 6.10
C LEU A 27 22.17 33.28 7.04
N THR A 28 21.23 34.12 6.61
CA THR A 28 20.02 34.43 7.39
C THR A 28 19.18 33.18 7.70
N ASN A 29 18.92 32.37 6.69
CA ASN A 29 18.13 31.16 6.85
C ASN A 29 18.78 30.16 7.79
N LEU A 30 20.11 30.09 7.71
CA LEU A 30 20.88 29.22 8.59
C LEU A 30 20.79 29.70 10.04
N ASP A 31 21.03 31.00 10.23
CA ASP A 31 20.98 31.59 11.56
C ASP A 31 19.58 31.38 12.19
N GLU A 32 18.55 31.65 11.40
CA GLU A 32 17.19 31.47 11.90
C GLU A 32 16.86 30.01 12.21
N TYR A 33 17.37 29.09 11.39
CA TYR A 33 17.25 27.69 11.77
C TYR A 33 17.94 27.45 13.12
N ASN A 34 19.17 27.95 13.26
CA ASN A 34 19.94 27.74 14.48
C ASN A 34 19.25 28.32 15.71
N LYS A 35 18.58 29.45 15.55
CA LYS A 35 17.94 30.13 16.67
C LYS A 35 16.54 29.59 16.99
N LEU A 36 16.13 28.51 16.34
CA LEU A 36 14.82 27.95 16.63
C LEU A 36 14.66 27.53 18.09
N THR A 37 13.84 28.27 18.84
CA THR A 37 13.49 27.93 20.20
C THR A 37 12.44 26.82 20.23
N THR A 38 11.45 26.93 19.36
CA THR A 38 10.41 25.92 19.27
C THR A 38 11.00 24.52 19.19
N ASN A 39 10.25 23.55 19.69
CA ASN A 39 10.64 22.14 19.57
C ASN A 39 9.56 21.31 18.89
N ASN A 40 8.77 21.95 18.02
CA ASN A 40 7.87 21.18 17.17
C ASN A 40 8.63 20.79 15.90
N ASN A 41 8.59 19.50 15.61
CA ASN A 41 9.42 18.90 14.58
C ASN A 41 9.15 19.50 13.22
N GLU A 42 7.87 19.64 12.89
CA GLU A 42 7.42 20.20 11.62
C GLU A 42 8.03 21.57 11.27
N ASN A 43 7.98 22.51 12.20
CA ASN A 43 8.50 23.85 11.97
C ASN A 43 10.00 23.92 11.79
N LYS A 44 10.72 23.06 12.52
CA LYS A 44 12.15 22.89 12.25
C LYS A 44 12.34 22.37 10.82
N TYR A 45 11.60 21.33 10.47
CA TYR A 45 11.71 20.73 9.14
C TYR A 45 11.54 21.78 8.04
N LEU A 46 10.45 22.53 8.12
CA LEU A 46 10.13 23.54 7.12
C LEU A 46 11.23 24.60 6.98
N GLN A 47 11.83 25.00 8.09
CA GLN A 47 12.92 25.96 8.03
C GLN A 47 14.19 25.31 7.43
N LEU A 48 14.48 24.07 7.80
CA LEU A 48 15.58 23.34 7.18
C LEU A 48 15.37 23.34 5.67
N LYS A 49 14.11 23.09 5.27
CA LYS A 49 13.75 22.97 3.87
C LYS A 49 14.01 24.30 3.17
N LYS A 50 13.59 25.38 3.85
CA LYS A 50 13.75 26.73 3.33
C LYS A 50 15.22 27.08 3.17
N LEU A 51 16.02 26.76 4.18
CA LEU A 51 17.46 26.91 4.06
C LEU A 51 18.01 26.12 2.85
N ASN A 52 17.59 24.87 2.72
CA ASN A 52 18.13 24.00 1.67
C ASN A 52 17.81 24.56 0.28
N GLU A 53 16.56 24.99 0.10
CA GLU A 53 16.17 25.61 -1.15
C GLU A 53 17.03 26.83 -1.47
N SER A 54 17.26 27.69 -0.47
CA SER A 54 18.08 28.88 -0.68
C SER A 54 19.51 28.51 -1.07
N ILE A 55 20.02 27.41 -0.55
CA ILE A 55 21.36 26.95 -0.97
C ILE A 55 21.36 26.53 -2.44
N ASP A 56 20.40 25.72 -2.86
CA ASP A 56 20.30 25.38 -4.28
C ASP A 56 20.25 26.62 -5.17
N VAL A 57 19.48 27.64 -4.76
CA VAL A 57 19.39 28.87 -5.52
C VAL A 57 20.78 29.49 -5.75
N PHE A 58 21.59 29.55 -4.70
CA PHE A 58 22.93 30.09 -4.85
C PHE A 58 23.77 29.23 -5.80
N MET A 59 23.73 27.91 -5.60
CA MET A 59 24.66 27.03 -6.29
C MET A 59 24.34 26.89 -7.77
N ASN A 60 23.06 27.03 -8.11
CA ASN A 60 22.64 26.95 -9.50
C ASN A 60 22.98 28.23 -10.26
N LYS A 61 23.05 29.34 -9.55
CA LYS A 61 23.37 30.63 -10.14
C LYS A 61 24.87 30.87 -10.27
N TYR A 62 25.61 30.55 -9.21
CA TYR A 62 27.05 30.76 -9.21
C TYR A 62 27.75 29.41 -9.21
N LYS A 63 27.73 28.76 -10.36
CA LYS A 63 28.21 27.39 -10.50
C LYS A 63 29.73 27.22 -10.29
N THR A 64 30.48 28.32 -10.32
CA THR A 64 31.93 28.24 -10.16
C THR A 64 32.41 28.89 -8.86
N SER A 65 31.46 29.28 -8.01
CA SER A 65 31.81 30.01 -6.79
C SER A 65 32.71 29.20 -5.85
N SER A 66 33.67 29.89 -5.25
CA SER A 66 34.57 29.25 -4.31
C SER A 66 33.80 28.78 -3.09
N ARG A 67 32.58 29.32 -2.92
CA ARG A 67 31.73 28.99 -1.77
C ARG A 67 31.02 27.64 -1.88
N ASN A 68 31.06 27.06 -3.08
CA ASN A 68 30.27 25.86 -3.33
C ASN A 68 30.68 24.62 -2.52
N ARG A 69 31.97 24.51 -2.23
CA ARG A 69 32.44 23.41 -1.42
C ARG A 69 31.84 23.44 -0.02
N ALA A 70 31.92 24.59 0.64
CA ALA A 70 31.34 24.73 1.98
C ALA A 70 29.83 24.56 1.94
N LEU A 71 29.18 25.08 0.90
CA LEU A 71 27.72 24.94 0.80
C LEU A 71 27.33 23.50 0.46
N SER A 72 28.17 22.79 -0.31
CA SER A 72 27.89 21.38 -0.57
C SER A 72 28.00 20.59 0.71
N ASN A 73 28.98 20.94 1.54
CA ASN A 73 29.11 20.31 2.85
C ASN A 73 27.93 20.63 3.76
N LEU A 74 27.46 21.88 3.74
CA LEU A 74 26.23 22.25 4.47
C LEU A 74 25.04 21.37 4.06
N LYS A 75 24.84 21.19 2.76
CA LYS A 75 23.70 20.41 2.27
C LYS A 75 23.77 18.98 2.79
N LYS A 76 24.97 18.45 2.91
CA LYS A 76 25.17 17.11 3.45
C LYS A 76 24.77 17.07 4.93
N ASP A 77 25.12 18.13 5.68
CA ASP A 77 24.78 18.20 7.09
C ASP A 77 23.27 18.34 7.24
N ILE A 78 22.66 19.09 6.33
CA ILE A 78 21.22 19.26 6.33
C ILE A 78 20.48 17.92 6.17
N LEU A 79 20.94 17.10 5.23
CA LEU A 79 20.41 15.74 5.09
C LEU A 79 20.44 15.00 6.43
N LYS A 80 21.54 15.14 7.20
CA LYS A 80 21.63 14.41 8.46
C LYS A 80 20.74 15.01 9.53
N GLU A 81 20.62 16.33 9.52
CA GLU A 81 19.77 17.06 10.46
C GLU A 81 18.30 16.60 10.40
N VAL A 82 17.82 16.24 9.20
CA VAL A 82 16.46 15.73 9.03
C VAL A 82 16.26 14.46 9.85
N ILE A 83 17.25 13.58 9.80
CA ILE A 83 17.21 12.33 10.54
C ILE A 83 17.31 12.60 12.04
N LEU A 84 18.09 13.62 12.42
CA LEU A 84 18.24 13.98 13.83
C LEU A 84 16.92 14.50 14.39
N ILE A 85 16.26 15.35 13.61
CA ILE A 85 14.95 15.86 14.00
C ILE A 85 13.93 14.73 14.15
N LYS A 86 13.77 13.88 13.14
CA LYS A 86 12.74 12.86 13.23
C LYS A 86 13.05 11.85 14.34
N ASN A 87 14.29 11.86 14.83
CA ASN A 87 14.66 10.97 15.92
C ASN A 87 14.73 11.66 17.29
N SER A 88 14.29 12.92 17.35
CA SER A 88 14.42 13.75 18.54
C SER A 88 13.32 13.53 19.57
N ASN A 89 12.22 14.25 19.43
CA ASN A 89 11.02 13.94 20.19
C ASN A 89 10.47 12.67 19.58
N THR A 90 10.05 11.76 20.43
CA THR A 90 9.74 10.40 20.02
C THR A 90 8.95 9.81 21.18
N SER A 91 7.75 9.33 20.87
CA SER A 91 6.89 8.73 21.88
C SER A 91 6.01 7.68 21.21
N PRO A 92 5.26 6.89 22.00
CA PRO A 92 4.49 5.78 21.42
C PRO A 92 3.34 6.23 20.51
N VAL A 93 3.15 5.53 19.39
CA VAL A 93 2.01 5.77 18.50
C VAL A 93 0.74 5.49 19.27
N GLU A 94 -0.38 6.06 18.81
CA GLU A 94 -1.69 5.73 19.34
C GLU A 94 -1.81 4.21 19.32
N LYS A 95 -2.48 3.65 20.32
CA LYS A 95 -2.57 2.20 20.43
C LYS A 95 -3.76 1.62 19.67
N ASN A 96 -3.74 1.79 18.36
CA ASN A 96 -4.77 1.31 17.47
C ASN A 96 -4.16 0.31 16.48
N LEU A 97 -4.83 -0.83 16.27
CA LEU A 97 -4.44 -1.72 15.19
C LEU A 97 -5.52 -1.63 14.13
N HIS A 98 -5.16 -1.13 12.94
CA HIS A 98 -6.10 -0.96 11.85
C HIS A 98 -5.97 -2.08 10.81
N PHE A 99 -7.09 -2.76 10.53
CA PHE A 99 -7.18 -3.70 9.42
C PHE A 99 -8.29 -3.23 8.48
N VAL A 100 -8.38 -3.80 7.29
CA VAL A 100 -9.37 -3.39 6.32
C VAL A 100 -9.88 -4.60 5.55
N TRP A 101 -11.19 -4.81 5.60
CA TRP A 101 -11.81 -5.82 4.78
C TRP A 101 -13.07 -5.25 4.15
N ILE A 102 -12.95 -4.78 2.91
CA ILE A 102 -14.03 -4.14 2.19
C ILE A 102 -14.50 -4.97 1.00
N GLY A 103 -15.79 -4.90 0.69
CA GLY A 103 -16.29 -5.41 -0.57
C GLY A 103 -16.84 -6.81 -0.51
N GLY A 104 -16.96 -7.35 0.70
CA GLY A 104 -17.51 -8.68 0.88
C GLY A 104 -17.35 -9.18 2.31
N GLU A 105 -17.70 -10.46 2.51
CA GLU A 105 -17.63 -11.08 3.82
C GLU A 105 -16.20 -11.35 4.24
N VAL A 106 -15.83 -10.86 5.42
CA VAL A 106 -14.52 -11.14 5.95
C VAL A 106 -14.37 -12.66 6.17
N SER A 107 -13.27 -13.22 5.70
CA SER A 107 -13.01 -14.65 5.84
C SER A 107 -12.67 -14.99 7.30
N ASP A 108 -13.02 -16.21 7.72
CA ASP A 108 -12.68 -16.67 9.06
C ASP A 108 -11.17 -16.70 9.23
N ILE A 109 -10.51 -17.16 8.17
CA ILE A 109 -9.07 -17.25 8.11
C ILE A 109 -8.44 -15.92 8.54
N ALA A 110 -9.00 -14.81 8.08
CA ALA A 110 -8.48 -13.48 8.41
C ALA A 110 -8.78 -13.13 9.86
N LEU A 111 -9.93 -13.57 10.35
CA LEU A 111 -10.29 -13.35 11.74
C LEU A 111 -9.30 -14.04 12.68
N GLU A 112 -8.86 -15.23 12.29
CA GLU A 112 -7.88 -15.97 13.08
C GLU A 112 -6.57 -15.19 13.20
N TYR A 113 -6.07 -14.72 12.06
CA TYR A 113 -4.82 -13.96 12.05
C TYR A 113 -4.97 -12.72 12.93
N ILE A 114 -6.09 -12.02 12.75
CA ILE A 114 -6.41 -10.84 13.57
C ILE A 114 -6.47 -11.20 15.06
N LYS A 115 -7.13 -12.31 15.39
CA LYS A 115 -7.25 -12.78 16.77
C LYS A 115 -5.90 -12.87 17.46
N GLN A 116 -4.88 -13.32 16.73
CA GLN A 116 -3.54 -13.42 17.29
C GLN A 116 -3.03 -12.07 17.80
N TRP A 117 -3.26 -11.02 17.02
CA TRP A 117 -2.83 -9.68 17.42
C TRP A 117 -3.58 -9.19 18.66
N ALA A 118 -4.88 -9.42 18.69
CA ALA A 118 -5.72 -8.96 19.79
C ALA A 118 -5.26 -9.63 21.08
N ASP A 119 -5.13 -10.94 21.05
CA ASP A 119 -4.71 -11.71 22.22
C ASP A 119 -3.42 -11.19 22.83
N ILE A 120 -2.42 -10.98 21.98
CA ILE A 120 -1.10 -10.53 22.41
C ILE A 120 -1.08 -9.08 22.88
N ASN A 121 -1.97 -8.27 22.31
CA ASN A 121 -2.02 -6.83 22.61
C ASN A 121 -3.39 -6.33 23.07
N ALA A 122 -3.82 -6.80 24.23
CA ALA A 122 -5.14 -6.46 24.78
C ALA A 122 -5.36 -4.95 24.96
N GLU A 123 -4.27 -4.21 25.16
CA GLU A 123 -4.37 -2.77 25.40
C GLU A 123 -4.56 -1.98 24.10
N TYR A 124 -4.42 -2.66 22.95
CA TYR A 124 -4.62 -2.03 21.64
C TYR A 124 -6.07 -2.16 21.16
N ASN A 125 -6.63 -1.08 20.64
CA ASN A 125 -7.99 -1.12 20.09
C ASN A 125 -7.92 -1.68 18.69
N ILE A 126 -8.78 -2.64 18.38
CA ILE A 126 -8.77 -3.25 17.05
C ILE A 126 -9.82 -2.60 16.17
N LYS A 127 -9.39 -2.11 15.01
CA LYS A 127 -10.31 -1.48 14.08
C LYS A 127 -10.35 -2.23 12.76
N LEU A 128 -11.43 -2.96 12.53
CA LEU A 128 -11.60 -3.64 11.26
C LEU A 128 -12.48 -2.79 10.36
N TRP A 129 -11.86 -2.00 9.50
CA TRP A 129 -12.62 -1.11 8.63
C TRP A 129 -13.36 -1.84 7.51
N TYR A 130 -14.60 -1.41 7.27
CA TYR A 130 -15.39 -1.97 6.19
C TYR A 130 -16.32 -0.89 5.61
N ASP A 131 -16.98 -1.22 4.51
CA ASP A 131 -17.92 -0.29 3.93
C ASP A 131 -19.31 -0.91 4.00
N SER A 132 -20.16 -0.37 4.89
CA SER A 132 -21.49 -0.95 5.13
C SER A 132 -22.38 -0.91 3.88
N GLU A 133 -22.00 -0.13 2.89
CA GLU A 133 -22.81 -0.07 1.66
C GLU A 133 -22.29 -0.92 0.51
N ALA A 134 -21.14 -1.58 0.67
CA ALA A 134 -20.48 -2.20 -0.48
C ALA A 134 -20.07 -3.66 -0.35
N PHE A 135 -20.85 -4.45 0.41
CA PHE A 135 -20.61 -5.86 0.57
C PHE A 135 -20.72 -6.70 -0.72
N LEU A 136 -21.35 -6.16 -1.75
CA LEU A 136 -21.57 -6.96 -2.95
C LEU A 136 -20.57 -6.66 -4.07
N VAL A 137 -19.57 -5.84 -3.77
CA VAL A 137 -18.62 -5.42 -4.81
C VAL A 137 -17.75 -6.56 -5.35
N ASN A 138 -17.26 -7.43 -4.46
CA ASN A 138 -16.47 -8.57 -4.92
C ASN A 138 -17.34 -9.55 -5.72
N THR A 139 -18.58 -9.74 -5.26
CA THR A 139 -19.55 -10.59 -5.94
C THR A 139 -19.79 -10.10 -7.38
N LEU A 140 -19.94 -8.79 -7.55
CA LEU A 140 -20.12 -8.21 -8.88
C LEU A 140 -18.90 -8.39 -9.76
N LYS A 141 -17.71 -8.18 -9.20
CA LYS A 141 -16.48 -8.29 -9.97
C LYS A 141 -16.30 -9.72 -10.51
N LYS A 142 -16.53 -10.70 -9.65
CA LYS A 142 -16.49 -12.11 -10.06
C LYS A 142 -17.54 -12.44 -11.13
N ALA A 143 -18.74 -11.91 -10.98
CA ALA A 143 -19.79 -12.16 -11.97
C ALA A 143 -19.32 -11.66 -13.33
N ILE A 144 -18.83 -10.42 -13.36
CA ILE A 144 -18.31 -9.81 -14.58
C ILE A 144 -17.14 -10.60 -15.18
N VAL A 145 -16.14 -10.92 -14.36
CA VAL A 145 -14.98 -11.67 -14.85
C VAL A 145 -15.37 -13.07 -15.36
N GLU A 146 -16.21 -13.77 -14.60
CA GLU A 146 -16.61 -15.13 -15.02
C GLU A 146 -17.44 -15.12 -16.30
N SER A 147 -18.42 -14.22 -16.38
CA SER A 147 -19.15 -13.99 -17.63
C SER A 147 -18.23 -13.66 -18.81
N SER A 148 -17.25 -12.80 -18.59
CA SER A 148 -16.38 -12.36 -19.67
C SER A 148 -15.45 -13.47 -20.13
N THR A 149 -15.02 -14.31 -19.19
CA THR A 149 -14.14 -15.43 -19.48
C THR A 149 -14.86 -16.38 -20.40
N THR A 150 -16.14 -16.64 -20.10
CA THR A 150 -16.94 -17.55 -20.88
C THR A 150 -17.15 -16.95 -22.27
N GLU A 151 -17.41 -15.65 -22.33
CA GLU A 151 -17.61 -14.97 -23.61
C GLU A 151 -16.36 -15.07 -24.49
N ALA A 152 -15.19 -14.88 -23.88
CA ALA A 152 -13.93 -14.94 -24.60
C ALA A 152 -13.60 -16.34 -25.07
N LEU A 153 -13.85 -17.33 -24.23
CA LEU A 153 -13.58 -18.71 -24.61
C LEU A 153 -14.51 -19.16 -25.72
N GLN A 154 -15.77 -18.73 -25.69
CA GLN A 154 -16.70 -19.11 -26.76
C GLN A 154 -16.26 -18.48 -28.08
N LEU A 155 -15.91 -17.20 -28.03
CA LEU A 155 -15.45 -16.50 -29.21
C LEU A 155 -14.22 -17.18 -29.80
N LEU A 156 -13.27 -17.56 -28.95
CA LEU A 156 -12.00 -18.11 -29.40
C LEU A 156 -11.97 -19.65 -29.38
N GLU A 157 -13.14 -20.26 -29.26
CA GLU A 157 -13.30 -21.70 -29.08
C GLU A 157 -12.42 -22.53 -30.04
N GLU A 158 -12.35 -22.13 -31.29
CA GLU A 158 -11.60 -22.90 -32.28
C GLU A 158 -10.08 -22.85 -32.07
N GLU A 159 -9.63 -21.80 -31.39
CA GLU A 159 -8.19 -21.54 -31.30
C GLU A 159 -7.55 -21.95 -29.98
N ILE A 160 -8.34 -21.93 -28.91
CA ILE A 160 -7.79 -22.05 -27.56
C ILE A 160 -7.05 -23.37 -27.26
N GLN A 161 -7.50 -24.45 -27.87
CA GLN A 161 -6.90 -25.77 -27.64
C GLN A 161 -5.53 -25.91 -28.35
N ASN A 162 -5.38 -25.23 -29.48
CA ASN A 162 -4.08 -25.18 -30.15
C ASN A 162 -2.99 -24.84 -29.13
N PRO A 163 -2.04 -25.77 -28.93
CA PRO A 163 -1.04 -25.57 -27.86
C PRO A 163 -0.16 -24.35 -28.12
N GLN A 164 -0.11 -23.89 -29.37
CA GLN A 164 0.69 -22.72 -29.72
C GLN A 164 -0.09 -21.43 -29.53
N PHE A 165 -1.34 -21.56 -29.07
CA PHE A 165 -2.22 -20.41 -28.86
C PHE A 165 -1.57 -19.38 -27.96
N ASP A 166 -1.60 -18.12 -28.40
CA ASP A 166 -1.08 -17.05 -27.58
C ASP A 166 -2.13 -16.64 -26.55
N ASN A 167 -1.97 -17.06 -25.30
CA ASN A 167 -3.00 -16.77 -24.31
C ASN A 167 -3.32 -15.27 -24.15
N MET A 168 -2.40 -14.41 -24.59
CA MET A 168 -2.63 -12.97 -24.52
C MET A 168 -3.82 -12.57 -25.37
N LYS A 169 -4.05 -13.31 -26.44
CA LYS A 169 -5.17 -13.02 -27.31
C LYS A 169 -6.46 -13.22 -26.54
N PHE A 170 -6.47 -14.19 -25.62
CA PHE A 170 -7.59 -14.43 -24.74
C PHE A 170 -7.77 -13.29 -23.75
N TYR A 171 -6.66 -12.84 -23.16
CA TYR A 171 -6.72 -11.83 -22.11
C TYR A 171 -7.14 -10.46 -22.63
N LYS A 172 -6.67 -10.12 -23.83
CA LYS A 172 -7.08 -8.88 -24.49
C LYS A 172 -8.56 -8.94 -24.85
N LYS A 173 -8.98 -10.08 -25.41
CA LYS A 173 -10.37 -10.24 -25.80
C LYS A 173 -11.27 -10.17 -24.58
N ARG A 174 -10.90 -10.92 -23.55
CA ARG A 174 -11.69 -10.89 -22.32
C ARG A 174 -11.77 -9.46 -21.75
N MET A 175 -10.68 -8.70 -21.84
CA MET A 175 -10.64 -7.36 -21.26
C MET A 175 -11.69 -6.47 -21.92
N GLU A 176 -11.96 -6.72 -23.21
CA GLU A 176 -12.96 -5.93 -23.93
C GLU A 176 -14.35 -6.23 -23.40
N PHE A 177 -14.61 -7.50 -23.10
CA PHE A 177 -15.89 -7.91 -22.56
C PHE A 177 -16.06 -7.38 -21.14
N ILE A 178 -14.99 -7.43 -20.36
CA ILE A 178 -14.99 -6.93 -18.98
C ILE A 178 -15.29 -5.43 -18.99
N TYR A 179 -14.55 -4.67 -19.78
CA TYR A 179 -14.78 -3.25 -19.88
C TYR A 179 -16.23 -2.91 -20.21
N ASP A 180 -16.81 -3.58 -21.21
CA ASP A 180 -18.22 -3.33 -21.57
C ASP A 180 -19.19 -3.64 -20.41
N ARG A 181 -18.90 -4.68 -19.65
CA ARG A 181 -19.76 -5.02 -18.54
C ARG A 181 -19.66 -4.06 -17.35
N GLN A 182 -18.44 -3.59 -17.05
CA GLN A 182 -18.25 -2.58 -16.01
C GLN A 182 -18.94 -1.27 -16.39
N LYS A 183 -18.84 -0.93 -17.67
CA LYS A 183 -19.38 0.30 -18.21
C LYS A 183 -20.92 0.23 -18.16
N ARG A 184 -21.48 -0.93 -18.47
CA ARG A 184 -22.92 -1.19 -18.30
C ARG A 184 -23.36 -1.01 -16.84
N PHE A 185 -22.60 -1.59 -15.92
CA PHE A 185 -22.90 -1.45 -14.51
C PHE A 185 -22.86 0.00 -14.08
N ILE A 186 -21.76 0.66 -14.41
CA ILE A 186 -21.51 2.03 -13.98
C ILE A 186 -22.59 3.01 -14.47
N ASN A 187 -22.97 2.87 -15.74
CA ASN A 187 -23.99 3.73 -16.33
C ASN A 187 -25.35 3.50 -15.68
N TYR A 188 -25.65 2.24 -15.38
CA TYR A 188 -26.84 1.91 -14.61
C TYR A 188 -26.77 2.54 -13.20
N TYR A 189 -25.66 2.32 -12.50
CA TYR A 189 -25.41 2.98 -11.22
C TYR A 189 -25.69 4.50 -11.29
N LYS A 190 -25.14 5.14 -12.32
CA LYS A 190 -25.28 6.58 -12.48
C LYS A 190 -26.74 7.00 -12.66
N SER A 191 -27.54 6.14 -13.28
CA SER A 191 -28.96 6.42 -13.43
C SER A 191 -29.75 6.28 -12.12
N GLN A 192 -29.28 5.43 -11.22
CA GLN A 192 -30.00 5.16 -9.99
C GLN A 192 -29.63 6.07 -8.82
N ILE A 193 -28.36 6.48 -8.79
CA ILE A 193 -27.78 6.97 -7.56
C ILE A 193 -28.38 8.30 -7.09
N ASN A 194 -29.05 9.03 -7.97
CA ASN A 194 -29.60 10.35 -7.65
C ASN A 194 -31.10 10.36 -7.35
N LYS A 195 -31.74 9.20 -7.44
CA LYS A 195 -33.17 9.08 -7.18
C LYS A 195 -33.49 9.47 -5.72
N PRO A 196 -34.75 9.84 -5.45
CA PRO A 196 -35.14 10.25 -4.09
C PRO A 196 -35.26 9.07 -3.13
N THR A 197 -35.13 7.86 -3.67
CA THR A 197 -35.12 6.67 -2.85
C THR A 197 -33.77 6.58 -2.15
N VAL A 198 -32.77 7.26 -2.71
CA VAL A 198 -31.42 7.27 -2.16
C VAL A 198 -30.87 5.85 -1.98
N PRO A 199 -30.76 5.09 -3.08
CA PRO A 199 -30.28 3.71 -2.96
C PRO A 199 -28.80 3.68 -2.56
N THR A 200 -28.39 2.56 -1.99
CA THR A 200 -27.00 2.34 -1.67
C THR A 200 -26.31 1.63 -2.84
N ILE A 201 -24.99 1.50 -2.76
CA ILE A 201 -24.21 0.72 -3.71
C ILE A 201 -24.71 -0.72 -3.80
N ASP A 202 -24.90 -1.36 -2.65
CA ASP A 202 -25.43 -2.71 -2.61
C ASP A 202 -26.85 -2.84 -3.19
N ASP A 203 -27.73 -1.85 -2.93
CA ASP A 203 -29.06 -1.84 -3.58
C ASP A 203 -28.90 -1.94 -5.09
N ILE A 204 -28.05 -1.07 -5.63
CA ILE A 204 -27.84 -0.98 -7.06
C ILE A 204 -27.15 -2.23 -7.62
N ILE A 205 -26.16 -2.76 -6.91
CA ILE A 205 -25.45 -3.94 -7.38
C ILE A 205 -26.39 -5.15 -7.37
N LYS A 206 -27.16 -5.29 -6.29
CA LYS A 206 -28.08 -6.41 -6.14
C LYS A 206 -29.09 -6.46 -7.30
N SER A 207 -29.70 -5.31 -7.59
CA SER A 207 -30.65 -5.16 -8.69
C SER A 207 -30.02 -5.52 -10.04
N HIS A 208 -28.82 -4.99 -10.28
CA HIS A 208 -28.12 -5.27 -11.53
C HIS A 208 -27.80 -6.77 -11.63
N LEU A 209 -27.46 -7.38 -10.50
CA LEU A 209 -27.06 -8.79 -10.53
C LEU A 209 -28.26 -9.67 -10.81
N VAL A 210 -29.40 -9.30 -10.23
CA VAL A 210 -30.67 -9.99 -10.47
C VAL A 210 -31.08 -9.81 -11.94
N SER A 211 -31.05 -8.58 -12.43
CA SER A 211 -31.45 -8.26 -13.79
C SER A 211 -30.54 -8.86 -14.88
N GLU A 212 -29.23 -8.77 -14.68
CA GLU A 212 -28.30 -9.08 -15.76
C GLU A 212 -27.48 -10.37 -15.55
N TYR A 213 -27.40 -10.85 -14.31
CA TYR A 213 -26.57 -12.02 -14.03
C TYR A 213 -27.33 -13.23 -13.46
N ASN A 214 -28.64 -13.22 -13.64
CA ASN A 214 -29.47 -14.36 -13.27
C ASN A 214 -29.34 -14.72 -11.78
N ARG A 215 -29.15 -13.72 -10.93
CA ARG A 215 -29.01 -13.97 -9.51
C ARG A 215 -30.35 -13.87 -8.77
N ASP A 216 -30.38 -14.45 -7.57
CA ASP A 216 -31.57 -14.39 -6.73
C ASP A 216 -31.41 -13.29 -5.67
N GLU A 217 -32.41 -12.43 -5.55
CA GLU A 217 -32.32 -11.34 -4.58
C GLU A 217 -32.16 -11.85 -3.15
N THR A 218 -32.98 -12.82 -2.78
CA THR A 218 -32.93 -13.36 -1.44
C THR A 218 -31.54 -13.87 -1.07
N VAL A 219 -30.90 -14.59 -1.97
CA VAL A 219 -29.56 -15.13 -1.71
C VAL A 219 -28.54 -13.99 -1.56
N LEU A 220 -28.67 -12.98 -2.42
CA LEU A 220 -27.78 -11.83 -2.39
C LEU A 220 -27.97 -11.09 -1.07
N GLU A 221 -29.22 -10.90 -0.70
CA GLU A 221 -29.57 -10.14 0.49
C GLU A 221 -29.10 -10.80 1.76
N SER A 222 -29.18 -12.14 1.82
CA SER A 222 -28.76 -12.81 3.03
C SER A 222 -27.22 -12.85 3.10
N TYR A 223 -26.56 -12.83 1.95
CA TYR A 223 -25.11 -12.75 1.95
C TYR A 223 -24.69 -11.37 2.47
N ARG A 224 -25.40 -10.35 2.03
CA ARG A 224 -25.18 -8.97 2.46
C ARG A 224 -25.41 -8.78 3.97
N THR A 225 -26.53 -9.27 4.48
CA THR A 225 -26.83 -9.10 5.91
C THR A 225 -25.90 -9.95 6.78
N ASN A 226 -25.54 -11.13 6.28
CA ASN A 226 -24.57 -11.95 7.01
C ASN A 226 -23.19 -11.31 7.07
N SER A 227 -22.77 -10.68 5.97
CA SER A 227 -21.46 -10.03 5.92
C SER A 227 -21.44 -8.89 6.92
N LEU A 228 -22.56 -8.16 6.98
CA LEU A 228 -22.68 -7.03 7.89
C LEU A 228 -22.56 -7.48 9.37
N ARG A 229 -23.39 -8.42 9.79
CA ARG A 229 -23.34 -8.85 11.19
C ARG A 229 -22.00 -9.52 11.53
N LYS A 230 -21.50 -10.34 10.60
CA LYS A 230 -20.24 -11.02 10.85
C LYS A 230 -19.15 -9.99 11.16
N ILE A 231 -19.13 -8.90 10.40
CA ILE A 231 -18.07 -7.91 10.59
C ILE A 231 -18.32 -7.01 11.81
N ASN A 232 -19.57 -6.66 12.07
CA ASN A 232 -19.86 -5.88 13.27
C ASN A 232 -19.49 -6.64 14.56
N SER A 233 -19.65 -7.96 14.53
CA SER A 233 -19.35 -8.80 15.67
C SER A 233 -17.85 -8.97 15.88
N ASN A 234 -17.05 -8.47 14.94
CA ASN A 234 -15.61 -8.71 14.97
C ASN A 234 -14.76 -7.46 14.74
N HIS A 235 -14.89 -6.50 15.65
CA HIS A 235 -14.12 -5.27 15.64
C HIS A 235 -14.54 -4.37 14.47
N GLY A 236 -15.61 -4.75 13.79
CA GLY A 236 -16.06 -4.03 12.61
C GLY A 236 -16.27 -2.57 12.87
N ILE A 237 -15.70 -1.71 12.03
CA ILE A 237 -15.99 -0.29 12.10
C ILE A 237 -16.23 0.30 10.71
N ASP A 238 -17.37 0.95 10.57
CA ASP A 238 -17.90 1.32 9.26
C ASP A 238 -17.33 2.63 8.76
N ILE A 239 -16.70 2.58 7.59
CA ILE A 239 -16.24 3.79 6.91
C ILE A 239 -17.32 4.87 6.78
N ARG A 240 -18.56 4.43 6.50
CA ARG A 240 -19.67 5.35 6.27
C ARG A 240 -20.12 6.12 7.52
N ALA A 241 -19.90 5.56 8.70
CA ALA A 241 -20.35 6.20 9.94
C ALA A 241 -19.25 6.97 10.65
N ASN A 242 -18.07 7.05 10.01
CA ASN A 242 -16.92 7.67 10.64
C ASN A 242 -16.40 8.92 9.94
N SER A 243 -15.21 9.37 10.31
CA SER A 243 -14.70 10.61 9.74
C SER A 243 -13.46 10.38 8.88
N LEU A 244 -13.41 9.23 8.21
CA LEU A 244 -12.27 8.92 7.33
C LEU A 244 -12.18 9.87 6.15
N PHE A 245 -13.30 9.99 5.41
CA PHE A 245 -13.36 10.83 4.22
C PHE A 245 -13.92 12.22 4.53
N THR A 246 -13.02 13.20 4.58
CA THR A 246 -13.32 14.53 5.04
C THR A 246 -13.28 15.55 3.91
N GLU A 247 -13.23 15.05 2.69
CA GLU A 247 -13.27 15.93 1.51
C GLU A 247 -13.56 15.09 0.28
N GLN A 248 -14.08 15.74 -0.75
CA GLN A 248 -14.61 15.09 -1.95
C GLN A 248 -13.54 14.37 -2.81
N GLU A 249 -12.35 14.94 -2.89
CA GLU A 249 -11.35 14.43 -3.82
C GLU A 249 -10.88 13.01 -3.45
N LEU A 250 -10.60 12.77 -2.17
CA LEU A 250 -10.24 11.43 -1.72
C LEU A 250 -11.43 10.47 -1.80
N LEU A 251 -12.62 10.96 -1.53
CA LEU A 251 -13.80 10.12 -1.63
C LEU A 251 -13.94 9.62 -3.07
N ASN A 252 -13.79 10.52 -4.04
CA ASN A 252 -13.89 10.18 -5.45
C ASN A 252 -12.82 9.18 -5.88
N ILE A 253 -11.60 9.33 -5.37
CA ILE A 253 -10.55 8.33 -5.65
C ILE A 253 -10.97 6.98 -5.07
N TYR A 254 -11.39 6.97 -3.82
CA TYR A 254 -11.88 5.75 -3.20
C TYR A 254 -12.99 5.14 -4.07
N SER A 255 -13.97 5.96 -4.46
CA SER A 255 -15.11 5.45 -5.24
C SER A 255 -14.77 4.94 -6.63
N GLN A 256 -13.86 5.61 -7.34
CA GLN A 256 -13.52 5.13 -8.68
C GLN A 256 -12.90 3.72 -8.63
N GLU A 257 -12.15 3.45 -7.56
CA GLU A 257 -11.56 2.13 -7.35
C GLU A 257 -12.60 1.10 -6.89
N LEU A 258 -13.41 1.50 -5.91
CA LEU A 258 -14.44 0.63 -5.34
C LEU A 258 -15.52 0.29 -6.37
N LEU A 259 -16.03 1.33 -7.05
CA LEU A 259 -17.16 1.17 -7.98
C LEU A 259 -16.76 0.93 -9.43
N ASN A 260 -15.97 1.84 -9.99
CA ASN A 260 -15.67 1.81 -11.41
C ASN A 260 -14.73 0.69 -11.82
N ARG A 261 -13.69 0.45 -11.04
CA ARG A 261 -12.70 -0.56 -11.42
C ARG A 261 -12.92 -1.89 -10.69
N GLY A 262 -13.58 -1.83 -9.55
CA GLY A 262 -13.74 -3.01 -8.70
C GLY A 262 -12.41 -3.43 -8.11
N ASN A 263 -11.51 -2.46 -7.91
CA ASN A 263 -10.21 -2.78 -7.36
C ASN A 263 -10.22 -2.53 -5.86
N LEU A 264 -10.48 -3.59 -5.10
CA LEU A 264 -10.59 -3.49 -3.67
C LEU A 264 -9.23 -3.28 -3.01
N ALA A 265 -8.16 -3.77 -3.62
CA ALA A 265 -6.84 -3.52 -3.05
C ALA A 265 -6.51 -2.01 -3.12
N ALA A 266 -6.80 -1.38 -4.25
CA ALA A 266 -6.57 0.05 -4.40
C ALA A 266 -7.46 0.85 -3.46
N ALA A 267 -8.71 0.41 -3.31
CA ALA A 267 -9.64 1.03 -2.38
C ALA A 267 -9.08 0.94 -0.97
N SER A 268 -8.60 -0.24 -0.59
CA SER A 268 -7.99 -0.43 0.72
C SER A 268 -6.72 0.39 0.92
N ASP A 269 -5.95 0.60 -0.16
CA ASP A 269 -4.78 1.48 -0.11
C ASP A 269 -5.17 2.87 0.37
N ILE A 270 -6.33 3.35 -0.10
CA ILE A 270 -6.81 4.68 0.28
C ILE A 270 -7.28 4.69 1.74
N VAL A 271 -8.11 3.72 2.09
CA VAL A 271 -8.62 3.63 3.45
C VAL A 271 -7.54 3.53 4.53
N ARG A 272 -6.48 2.76 4.28
CA ARG A 272 -5.46 2.58 5.30
C ARG A 272 -4.75 3.89 5.60
N LEU A 273 -4.52 4.68 4.56
CA LEU A 273 -3.83 5.95 4.72
C LEU A 273 -4.69 6.95 5.51
N LEU A 274 -5.99 6.99 5.22
CA LEU A 274 -6.89 7.90 5.94
C LEU A 274 -7.06 7.48 7.38
N ALA A 275 -7.04 6.18 7.62
CA ALA A 275 -7.23 5.67 8.98
C ALA A 275 -6.06 6.10 9.84
N LEU A 276 -4.86 6.01 9.26
CA LEU A 276 -3.62 6.42 9.91
C LEU A 276 -3.57 7.93 10.15
N LYS A 277 -3.93 8.69 9.13
CA LYS A 277 -3.91 10.14 9.22
C LYS A 277 -4.80 10.65 10.38
N ASN A 278 -6.01 10.09 10.48
CA ASN A 278 -7.01 10.57 11.42
C ASN A 278 -6.87 10.01 12.83
N PHE A 279 -6.59 8.71 12.92
CA PHE A 279 -6.52 8.00 14.19
C PHE A 279 -5.09 7.71 14.63
N GLY A 280 -4.18 7.49 13.68
CA GLY A 280 -2.84 7.09 14.04
C GLY A 280 -2.86 5.65 14.51
N GLY A 281 -1.69 5.05 14.63
CA GLY A 281 -1.61 3.67 15.06
C GLY A 281 -0.78 2.80 14.13
N VAL A 282 -1.17 1.54 14.05
CA VAL A 282 -0.46 0.56 13.25
C VAL A 282 -1.44 0.05 12.21
N TYR A 283 -1.04 0.04 10.92
CA TYR A 283 -1.86 -0.66 9.92
C TYR A 283 -1.23 -1.98 9.51
N LEU A 284 -2.07 -3.00 9.33
CA LEU A 284 -1.62 -4.34 8.95
C LEU A 284 -2.58 -4.99 7.94
N ASP A 285 -2.03 -5.62 6.90
CA ASP A 285 -2.82 -6.55 6.12
C ASP A 285 -3.21 -7.73 7.02
N VAL A 286 -4.34 -8.36 6.70
CA VAL A 286 -4.84 -9.48 7.50
C VAL A 286 -4.01 -10.77 7.37
N ASP A 287 -2.95 -10.74 6.57
CA ASP A 287 -2.07 -11.91 6.50
C ASP A 287 -0.76 -11.71 7.25
N MET A 288 -0.66 -10.59 7.97
CA MET A 288 0.49 -10.33 8.83
C MET A 288 0.27 -10.98 10.21
N LEU A 289 1.36 -11.46 10.81
CA LEU A 289 1.29 -12.01 12.17
C LEU A 289 2.30 -11.37 13.10
N PRO A 290 2.01 -11.41 14.42
CA PRO A 290 2.92 -10.85 15.41
C PRO A 290 4.34 -11.38 15.25
N GLY A 291 5.32 -10.59 15.67
CA GLY A 291 6.70 -11.05 15.65
C GLY A 291 6.91 -12.13 16.68
N ILE A 292 7.86 -13.03 16.40
CA ILE A 292 8.23 -14.08 17.34
C ILE A 292 9.37 -13.60 18.22
N HIS A 293 9.31 -13.92 19.51
CA HIS A 293 10.40 -13.56 20.44
C HIS A 293 11.75 -13.89 19.83
N SER A 294 12.66 -12.93 19.89
CA SER A 294 14.01 -13.08 19.36
C SER A 294 14.66 -14.40 19.77
N ASP A 295 14.63 -14.69 21.06
CA ASP A 295 15.41 -15.80 21.61
C ASP A 295 14.67 -17.13 21.66
N LEU A 296 13.47 -17.17 21.09
CA LEU A 296 12.66 -18.38 21.13
C LEU A 296 13.42 -19.58 20.56
N PHE A 297 13.86 -19.47 19.31
CA PHE A 297 14.63 -20.55 18.69
C PHE A 297 16.07 -20.10 18.45
N LYS A 298 16.55 -19.24 19.34
CA LYS A 298 17.92 -18.72 19.27
C LYS A 298 18.91 -19.85 19.46
N THR A 299 18.42 -21.00 19.93
CA THR A 299 19.28 -22.14 20.23
C THR A 299 19.17 -23.24 19.18
N ILE A 300 18.49 -22.95 18.07
CA ILE A 300 18.45 -23.88 16.95
C ILE A 300 19.20 -23.32 15.73
N SER A 301 20.29 -24.00 15.38
CA SER A 301 21.15 -23.58 14.26
C SER A 301 20.44 -23.83 12.93
N ARG A 302 20.43 -22.80 12.07
CA ARG A 302 19.76 -22.92 10.79
C ARG A 302 20.66 -23.58 9.74
N PRO A 303 20.25 -24.76 9.27
CA PRO A 303 20.96 -25.49 8.21
C PRO A 303 21.28 -24.59 7.02
N SER A 304 22.38 -24.88 6.33
CA SER A 304 22.79 -24.09 5.18
C SER A 304 21.86 -24.33 3.98
N SER A 305 21.17 -25.47 3.99
CA SER A 305 20.32 -25.88 2.87
C SER A 305 19.07 -25.03 2.70
N ILE A 306 18.57 -24.46 3.80
CA ILE A 306 17.35 -23.66 3.74
C ILE A 306 17.61 -22.17 3.89
N GLY A 307 16.94 -21.36 3.06
CA GLY A 307 17.14 -19.92 3.04
C GLY A 307 16.69 -19.18 4.28
N LEU A 308 17.09 -17.92 4.39
CA LEU A 308 16.71 -17.09 5.52
C LEU A 308 15.19 -16.98 5.64
N ASP A 309 14.54 -16.69 4.52
CA ASP A 309 13.10 -16.55 4.48
C ASP A 309 12.39 -17.86 4.85
N ARG A 310 12.75 -18.94 4.15
CA ARG A 310 12.15 -20.25 4.41
C ARG A 310 12.30 -20.68 5.86
N TRP A 311 13.39 -20.25 6.49
CA TRP A 311 13.67 -20.55 7.88
C TRP A 311 12.67 -19.81 8.77
N GLU A 312 12.32 -18.60 8.36
CA GLU A 312 11.34 -17.82 9.09
C GLU A 312 9.95 -18.44 8.94
N MET A 313 9.67 -18.99 7.77
CA MET A 313 8.39 -19.64 7.53
C MET A 313 8.24 -20.87 8.43
N ILE A 314 9.24 -21.74 8.40
CA ILE A 314 9.17 -22.99 9.17
C ILE A 314 9.15 -22.75 10.68
N LYS A 315 9.66 -21.60 11.12
CA LYS A 315 9.52 -21.23 12.52
C LYS A 315 8.04 -21.06 12.86
N LEU A 316 7.32 -20.35 12.01
CA LEU A 316 5.88 -20.16 12.19
C LEU A 316 5.13 -21.49 12.12
N GLU A 317 5.46 -22.31 11.14
CA GLU A 317 4.79 -23.60 10.97
C GLU A 317 5.01 -24.46 12.22
N ALA A 318 6.20 -24.41 12.79
CA ALA A 318 6.51 -25.16 14.00
C ALA A 318 5.59 -24.72 15.13
N ILE A 319 5.60 -23.43 15.42
CA ILE A 319 4.73 -22.86 16.45
C ILE A 319 3.30 -23.34 16.24
N MET A 320 2.93 -23.56 14.98
CA MET A 320 1.55 -23.88 14.62
C MET A 320 1.21 -25.37 14.71
N LYS A 321 2.18 -26.23 14.49
CA LYS A 321 1.92 -27.67 14.58
C LYS A 321 1.77 -28.08 16.04
N TYR A 322 2.43 -27.34 16.93
CA TYR A 322 2.46 -27.73 18.33
C TYR A 322 1.63 -26.81 19.23
N LYS A 323 0.92 -25.85 18.63
CA LYS A 323 0.01 -25.00 19.39
C LYS A 323 -1.31 -24.82 18.64
N LYS A 324 -1.29 -25.12 17.35
CA LYS A 324 -2.47 -24.98 16.50
C LYS A 324 -3.27 -23.71 16.74
N TYR A 325 -2.57 -22.61 17.06
CA TYR A 325 -3.23 -21.34 17.30
C TYR A 325 -4.12 -20.98 16.12
N ILE A 326 -3.71 -21.42 14.93
CA ILE A 326 -4.47 -21.24 13.71
C ILE A 326 -4.74 -22.59 13.06
N ASN A 327 -6.00 -22.81 12.70
CA ASN A 327 -6.42 -24.11 12.17
C ASN A 327 -5.86 -24.44 10.79
N ASN A 328 -5.31 -25.65 10.66
CA ASN A 328 -4.83 -26.14 9.37
C ASN A 328 -3.63 -25.36 8.82
N TYR A 329 -2.84 -24.77 9.71
CA TYR A 329 -1.65 -24.07 9.27
C TYR A 329 -0.70 -25.06 8.62
N THR A 330 -0.28 -24.76 7.39
CA THR A 330 0.56 -25.66 6.62
C THR A 330 1.78 -26.17 7.39
N SER A 331 2.19 -27.40 7.10
CA SER A 331 3.33 -28.03 7.75
C SER A 331 4.33 -28.45 6.69
N GLU A 332 4.04 -28.09 5.44
CA GLU A 332 4.87 -28.46 4.31
C GLU A 332 6.37 -28.35 4.60
N ASN A 333 6.87 -27.11 4.67
CA ASN A 333 8.29 -26.86 4.87
C ASN A 333 8.85 -27.43 6.17
N PHE A 334 7.99 -27.59 7.18
CA PHE A 334 8.41 -28.08 8.49
C PHE A 334 8.60 -29.59 8.51
N ASP A 335 7.66 -30.31 7.91
CA ASP A 335 7.71 -31.77 7.88
C ASP A 335 9.11 -32.28 7.55
N LYS A 336 9.85 -31.48 6.78
CA LYS A 336 11.21 -31.80 6.42
C LYS A 336 12.21 -31.02 7.27
N LEU A 337 13.42 -31.56 7.44
CA LEU A 337 13.80 -32.83 6.86
C LEU A 337 14.45 -33.68 7.94
N ASP A 338 15.37 -33.04 8.68
CA ASP A 338 16.04 -33.68 9.80
C ASP A 338 15.03 -33.91 10.94
N GLN A 339 15.10 -35.09 11.56
CA GLN A 339 14.19 -35.43 12.65
C GLN A 339 14.71 -34.97 14.00
N GLN A 340 15.85 -34.28 13.99
CA GLN A 340 16.43 -33.74 15.21
C GLN A 340 15.75 -32.42 15.58
N LEU A 341 15.92 -31.43 14.72
CA LEU A 341 15.37 -30.10 14.97
C LEU A 341 13.85 -30.15 15.16
N LYS A 342 13.19 -31.08 14.47
CA LYS A 342 11.75 -31.24 14.62
C LYS A 342 11.38 -31.54 16.08
N ASP A 343 12.35 -32.05 16.83
CA ASP A 343 12.17 -32.32 18.27
C ASP A 343 12.67 -31.15 19.13
N ASN A 344 13.74 -30.50 18.69
CA ASN A 344 14.21 -29.28 19.37
C ASN A 344 13.13 -28.21 19.28
N PHE A 345 12.38 -28.24 18.18
CA PHE A 345 11.25 -27.34 17.99
C PHE A 345 10.12 -27.70 18.96
N LYS A 346 9.81 -28.98 19.06
CA LYS A 346 8.76 -29.45 19.96
C LYS A 346 9.13 -29.16 21.41
N LEU A 347 10.40 -29.41 21.75
CA LEU A 347 10.92 -29.17 23.09
C LEU A 347 10.65 -27.73 23.56
N ILE A 348 11.10 -26.76 22.77
CA ILE A 348 11.02 -25.34 23.14
C ILE A 348 9.59 -24.79 23.11
N ILE A 349 8.79 -25.26 22.16
CA ILE A 349 7.41 -24.79 22.03
C ILE A 349 6.53 -25.34 23.14
N GLU A 350 6.77 -26.60 23.50
CA GLU A 350 6.01 -27.24 24.57
C GLU A 350 6.46 -26.73 25.94
N SER A 351 7.63 -26.09 25.98
CA SER A 351 8.17 -25.56 27.22
C SER A 351 7.54 -24.20 27.54
N LYS A 352 6.68 -23.74 26.64
CA LYS A 352 5.91 -22.52 26.84
C LYS A 352 4.45 -22.89 27.11
N SER A 353 3.75 -22.07 27.89
CA SER A 353 2.38 -22.37 28.29
C SER A 353 1.36 -21.34 27.80
N GLU A 354 1.81 -20.10 27.60
CA GLU A 354 0.91 -19.06 27.09
C GLU A 354 1.33 -18.59 25.71
N LYS A 355 0.43 -17.94 24.99
CA LYS A 355 0.78 -17.39 23.68
C LYS A 355 1.82 -16.27 23.83
N SER A 356 1.67 -15.44 24.87
CA SER A 356 2.55 -14.29 25.08
C SER A 356 4.00 -14.71 25.29
N GLU A 357 4.22 -16.01 25.44
CA GLU A 357 5.56 -16.56 25.59
C GLU A 357 6.14 -16.88 24.21
N ILE A 358 5.25 -17.12 23.26
CA ILE A 358 5.66 -17.42 21.89
C ILE A 358 5.79 -16.14 21.05
N PHE A 359 4.78 -15.27 21.15
CA PHE A 359 4.78 -14.03 20.40
C PHE A 359 5.11 -12.81 21.24
N SER A 360 5.77 -11.84 20.63
CA SER A 360 6.14 -10.59 21.29
C SER A 360 5.04 -9.55 21.17
N LYS A 361 4.94 -8.71 22.20
CA LYS A 361 3.91 -7.72 22.33
C LYS A 361 4.40 -6.46 21.64
N LEU A 362 3.49 -5.60 21.21
CA LEU A 362 3.92 -4.37 20.56
C LEU A 362 4.43 -3.36 21.59
N GLU A 363 3.76 -3.32 22.74
CA GLU A 363 4.10 -2.35 23.78
C GLU A 363 4.12 -0.95 23.17
N ASN A 364 5.10 -0.15 23.57
CA ASN A 364 5.26 1.17 22.99
C ASN A 364 6.13 1.13 21.73
N LEU A 365 5.53 1.57 20.62
CA LEU A 365 6.28 1.81 19.39
C LEU A 365 6.56 3.30 19.30
N ASN A 366 7.77 3.69 19.66
CA ASN A 366 8.16 5.10 19.68
C ASN A 366 8.50 5.62 18.29
N VAL A 367 7.72 6.60 17.82
CA VAL A 367 7.97 7.21 16.53
C VAL A 367 7.85 8.71 16.74
N SER A 368 8.34 9.49 15.79
CA SER A 368 8.16 10.94 15.88
C SER A 368 6.96 11.34 15.04
N ASP A 369 6.52 12.59 15.18
CA ASP A 369 5.34 13.06 14.45
C ASP A 369 5.66 13.42 13.02
N LEU A 370 6.91 13.20 12.60
CA LEU A 370 7.27 13.50 11.21
C LEU A 370 7.18 12.28 10.33
N GLU A 371 7.19 11.08 10.91
CA GLU A 371 7.47 9.88 10.14
C GLU A 371 6.31 8.91 9.96
N ILE A 372 6.52 8.02 9.00
CA ILE A 372 5.72 6.82 8.87
C ILE A 372 6.74 5.71 8.73
N LYS A 373 6.48 4.58 9.36
CA LYS A 373 7.36 3.42 9.22
C LYS A 373 6.66 2.34 8.44
N ILE A 374 7.43 1.57 7.68
CA ILE A 374 6.89 0.71 6.65
C ILE A 374 7.69 -0.59 6.57
N ALA A 375 7.02 -1.67 6.23
CA ALA A 375 7.70 -2.95 6.04
C ALA A 375 8.44 -2.97 4.68
N PHE A 376 9.39 -3.90 4.53
CA PHE A 376 10.16 -4.05 3.29
C PHE A 376 9.90 -5.43 2.73
N ALA A 377 10.06 -5.56 1.42
CA ALA A 377 10.06 -6.86 0.77
C ALA A 377 10.78 -6.74 -0.57
N LEU A 378 11.72 -7.65 -0.81
CA LEU A 378 12.42 -7.68 -2.09
C LEU A 378 13.09 -6.36 -2.44
N GLY A 379 13.61 -5.65 -1.44
CA GLY A 379 14.38 -4.43 -1.68
C GLY A 379 13.56 -3.16 -1.78
N SER A 380 12.24 -3.31 -1.71
CA SER A 380 11.33 -2.18 -1.83
C SER A 380 10.52 -2.00 -0.57
N VAL A 381 9.93 -0.82 -0.38
CA VAL A 381 8.91 -0.71 0.66
C VAL A 381 7.65 -1.46 0.23
N ILE A 382 6.88 -1.97 1.18
CA ILE A 382 5.60 -2.61 0.91
C ILE A 382 4.64 -2.15 2.00
N ASN A 383 3.44 -1.69 1.61
CA ASN A 383 2.54 -1.04 2.58
C ASN A 383 1.57 -2.02 3.23
N GLN A 384 2.03 -3.24 3.46
CA GLN A 384 1.23 -4.27 4.13
C GLN A 384 1.38 -4.12 5.64
N ALA A 385 2.23 -3.19 6.05
CA ALA A 385 2.42 -2.89 7.47
C ALA A 385 3.05 -1.51 7.61
N LEU A 386 2.43 -0.70 8.45
CA LEU A 386 2.77 0.71 8.57
C LEU A 386 2.61 1.12 10.01
N ILE A 387 3.41 2.10 10.45
CA ILE A 387 3.21 2.71 11.75
C ILE A 387 3.23 4.22 11.59
N SER A 388 2.25 4.90 12.19
CA SER A 388 2.18 6.35 12.08
C SER A 388 1.29 7.00 13.14
N LYS A 389 1.80 8.07 13.73
CA LYS A 389 0.99 8.94 14.58
C LYS A 389 -0.08 9.63 13.74
N GLN A 390 -1.22 9.98 14.34
CA GLN A 390 -2.21 10.76 13.64
C GLN A 390 -1.54 12.04 13.10
N GLY A 391 -1.93 12.46 11.90
CA GLY A 391 -1.45 13.71 11.35
C GLY A 391 0.04 13.83 11.06
N SER A 392 0.75 12.71 11.05
CA SER A 392 2.18 12.75 10.83
C SER A 392 2.51 13.40 9.49
N TYR A 393 3.62 14.12 9.46
CA TYR A 393 4.05 14.83 8.27
C TYR A 393 4.20 13.89 7.07
N LEU A 394 4.87 12.77 7.26
CA LEU A 394 5.16 11.91 6.11
C LEU A 394 3.90 11.24 5.58
N THR A 395 3.00 10.84 6.48
CA THR A 395 1.75 10.24 6.07
C THR A 395 0.98 11.19 5.17
N ASN A 396 1.00 12.47 5.53
CA ASN A 396 0.44 13.48 4.63
C ASN A 396 1.21 13.58 3.31
N LEU A 397 2.52 13.40 3.34
CA LEU A 397 3.30 13.44 2.10
C LEU A 397 2.80 12.32 1.18
N VAL A 398 2.54 11.15 1.76
CA VAL A 398 2.08 10.01 0.97
C VAL A 398 0.71 10.30 0.37
N ILE A 399 -0.18 10.85 1.19
CA ILE A 399 -1.52 11.17 0.73
C ILE A 399 -1.46 12.17 -0.40
N GLU A 400 -0.64 13.20 -0.24
CA GLU A 400 -0.42 14.16 -1.34
C GLU A 400 0.10 13.52 -2.64
N GLN A 401 1.04 12.58 -2.52
CA GLN A 401 1.55 11.86 -3.70
C GLN A 401 0.39 11.17 -4.41
N VAL A 402 -0.44 10.49 -3.63
CA VAL A 402 -1.55 9.70 -4.16
C VAL A 402 -2.52 10.63 -4.86
N LYS A 403 -2.83 11.76 -4.22
CA LYS A 403 -3.76 12.73 -4.81
C LYS A 403 -3.24 13.33 -6.12
N ASN A 404 -1.97 13.70 -6.16
CA ASN A 404 -1.41 14.26 -7.41
C ASN A 404 -1.28 13.24 -8.55
N ARG A 405 -0.96 12.00 -8.21
CA ARG A 405 -0.89 10.92 -9.19
C ARG A 405 -2.28 10.64 -9.80
N TYR A 406 -3.31 10.58 -8.96
CA TYR A 406 -4.68 10.43 -9.43
C TYR A 406 -5.19 11.64 -10.22
N GLN A 407 -4.82 12.84 -9.78
CA GLN A 407 -5.19 14.05 -10.51
C GLN A 407 -4.64 13.96 -11.93
N PHE A 408 -3.37 13.56 -12.03
CA PHE A 408 -2.77 13.39 -13.34
C PHE A 408 -3.42 12.25 -14.15
N LEU A 409 -3.52 11.07 -13.55
CA LEU A 409 -4.25 9.97 -14.18
C LEU A 409 -5.64 10.41 -14.70
N ASN A 410 -6.42 11.04 -13.83
CA ASN A 410 -7.80 11.35 -14.16
C ASN A 410 -7.95 12.44 -15.22
N GLN A 411 -7.01 13.37 -15.23
CA GLN A 411 -6.99 14.42 -16.23
C GLN A 411 -6.98 13.80 -17.63
N HIS A 412 -6.19 12.75 -17.80
CA HIS A 412 -6.05 12.07 -19.09
C HIS A 412 -7.10 10.99 -19.29
N LEU A 413 -7.51 10.35 -18.21
CA LEU A 413 -8.42 9.22 -18.31
C LEU A 413 -9.87 9.70 -18.49
N ASN A 414 -10.26 10.75 -17.77
CA ASN A 414 -11.67 11.10 -17.71
C ASN A 414 -12.31 11.35 -19.06
N PRO A 415 -11.68 12.18 -19.92
CA PRO A 415 -12.26 12.38 -21.25
C PRO A 415 -12.44 11.07 -22.00
N ALA A 416 -11.51 10.13 -21.82
CA ALA A 416 -11.64 8.84 -22.48
C ALA A 416 -12.81 8.03 -21.91
N ILE A 417 -12.89 7.93 -20.58
CA ILE A 417 -14.01 7.28 -19.92
C ILE A 417 -15.34 7.91 -20.32
N GLU A 418 -15.43 9.23 -20.24
CA GLU A 418 -16.68 9.93 -20.50
C GLU A 418 -17.17 9.75 -21.93
N SER A 419 -16.25 9.43 -22.84
CA SER A 419 -16.65 9.23 -24.23
C SER A 419 -17.41 7.91 -24.28
N ASP A 420 -18.28 7.75 -25.26
CA ASP A 420 -19.06 6.53 -25.34
C ASP A 420 -18.31 5.54 -26.22
N ASN A 421 -17.19 5.01 -25.73
CA ASN A 421 -16.38 4.10 -26.53
C ASN A 421 -16.12 2.73 -25.91
N ASN A 422 -15.77 1.77 -26.76
CA ASN A 422 -15.35 0.46 -26.30
C ASN A 422 -13.96 0.49 -25.66
N PHE A 423 -13.50 -0.66 -25.18
CA PHE A 423 -12.21 -0.73 -24.49
C PHE A 423 -11.03 -0.26 -25.32
N THR A 424 -10.96 -0.74 -26.55
CA THR A 424 -9.86 -0.43 -27.45
C THR A 424 -9.79 1.06 -27.81
N ASP A 425 -10.94 1.64 -28.16
CA ASP A 425 -11.01 3.07 -28.49
C ASP A 425 -10.81 3.94 -27.25
N THR A 426 -11.33 3.51 -26.11
CA THR A 426 -11.16 4.29 -24.90
C THR A 426 -9.66 4.33 -24.54
N THR A 427 -9.02 3.17 -24.61
CA THR A 427 -7.59 3.06 -24.34
C THR A 427 -6.78 4.02 -25.19
N LYS A 428 -7.10 4.07 -26.48
CA LYS A 428 -6.38 4.95 -27.40
C LYS A 428 -6.52 6.42 -27.02
N ILE A 429 -7.74 6.84 -26.74
CA ILE A 429 -7.97 8.23 -26.36
C ILE A 429 -7.21 8.56 -25.08
N PHE A 430 -7.21 7.63 -24.13
CA PHE A 430 -6.45 7.78 -22.89
C PHE A 430 -4.94 7.87 -23.20
N HIS A 431 -4.42 6.92 -23.97
CA HIS A 431 -2.98 6.86 -24.23
C HIS A 431 -2.47 8.04 -25.04
N ASP A 432 -3.25 8.46 -26.04
CA ASP A 432 -2.84 9.58 -26.88
C ASP A 432 -2.73 10.87 -26.05
N SER A 433 -3.69 11.11 -25.15
CA SER A 433 -3.58 12.27 -24.27
C SER A 433 -2.40 12.10 -23.28
N LEU A 434 -2.35 10.95 -22.63
CA LEU A 434 -1.32 10.63 -21.64
C LEU A 434 0.10 10.84 -22.15
N PHE A 435 0.45 10.20 -23.27
CA PHE A 435 1.84 10.22 -23.75
C PHE A 435 2.22 11.55 -24.40
N ASN A 436 1.23 12.36 -24.76
CA ASN A 436 1.56 13.71 -25.18
C ASN A 436 2.06 14.59 -24.05
N SER A 437 1.93 14.12 -22.80
CA SER A 437 2.45 14.85 -21.64
C SER A 437 3.81 14.35 -21.17
N ALA A 438 4.41 13.43 -21.91
CA ALA A 438 5.65 12.79 -21.43
C ALA A 438 6.79 13.79 -21.34
N THR A 439 7.49 13.79 -20.22
CA THR A 439 8.75 14.50 -20.08
C THR A 439 9.79 13.48 -19.64
N ALA A 440 11.06 13.86 -19.66
CA ALA A 440 12.11 13.00 -19.14
C ALA A 440 11.74 12.61 -17.73
N GLU A 441 11.19 13.58 -16.99
CA GLU A 441 10.88 13.38 -15.59
C GLU A 441 9.81 12.32 -15.33
N ASN A 442 8.73 12.32 -16.09
CA ASN A 442 7.56 11.53 -15.74
C ASN A 442 7.33 10.31 -16.65
N SER A 443 8.21 10.09 -17.61
CA SER A 443 7.96 9.07 -18.64
C SER A 443 7.66 7.69 -18.10
N MET A 444 8.44 7.26 -17.12
CA MET A 444 8.31 5.94 -16.52
C MET A 444 6.98 5.80 -15.83
N PHE A 445 6.66 6.79 -15.00
CA PHE A 445 5.36 6.87 -14.34
C PHE A 445 4.23 6.70 -15.37
N LEU A 446 4.30 7.42 -16.49
CA LEU A 446 3.26 7.34 -17.55
C LEU A 446 3.12 5.92 -18.09
N THR A 447 4.26 5.31 -18.36
CA THR A 447 4.33 3.94 -18.83
C THR A 447 3.72 3.01 -17.78
N LYS A 448 3.99 3.27 -16.50
CA LYS A 448 3.38 2.44 -15.45
C LYS A 448 1.88 2.57 -15.29
N ILE A 449 1.32 3.78 -15.49
CA ILE A 449 -0.14 3.94 -15.37
C ILE A 449 -0.91 3.76 -16.68
N ALA A 450 -0.22 3.56 -17.80
CA ALA A 450 -0.95 3.37 -19.04
C ALA A 450 -1.93 2.17 -19.04
N PRO A 451 -1.55 1.06 -18.37
CA PRO A 451 -2.44 -0.12 -18.36
C PRO A 451 -3.46 -0.09 -17.22
N TYR A 452 -3.68 1.08 -16.62
CA TYR A 452 -4.57 1.22 -15.47
C TYR A 452 -5.89 0.45 -15.60
N LEU A 453 -6.55 0.57 -16.75
CA LEU A 453 -7.90 0.00 -16.85
C LEU A 453 -7.93 -1.54 -16.79
N GLN A 454 -6.79 -2.18 -17.05
CA GLN A 454 -6.76 -3.64 -17.03
C GLN A 454 -6.11 -4.25 -15.79
N VAL A 455 -5.83 -3.41 -14.80
CA VAL A 455 -5.32 -3.86 -13.51
C VAL A 455 -6.29 -4.87 -12.90
N GLY A 456 -5.76 -6.05 -12.57
CA GLY A 456 -6.56 -7.12 -12.03
C GLY A 456 -7.13 -8.10 -13.06
N PHE A 457 -7.07 -7.73 -14.33
CA PHE A 457 -7.75 -8.49 -15.39
C PHE A 457 -6.80 -8.98 -16.46
N MET A 458 -5.62 -8.38 -16.52
CA MET A 458 -4.62 -8.77 -17.50
C MET A 458 -3.25 -8.88 -16.86
N PRO A 459 -2.36 -9.74 -17.40
CA PRO A 459 -1.05 -9.90 -16.76
C PRO A 459 -0.17 -8.66 -16.92
N GLU A 460 0.63 -8.37 -15.89
CA GLU A 460 1.62 -7.29 -15.94
C GLU A 460 1.02 -5.88 -15.89
N ALA A 461 -0.28 -5.78 -15.69
CA ALA A 461 -0.92 -4.48 -15.41
C ALA A 461 -0.72 -4.20 -13.93
N ARG A 462 0.23 -3.33 -13.60
CA ARG A 462 0.63 -3.13 -12.20
C ARG A 462 0.57 -1.66 -11.78
N SER A 463 -0.35 -0.90 -12.36
CA SER A 463 -0.45 0.54 -12.14
C SER A 463 -0.62 0.97 -10.67
N THR A 464 -1.33 0.15 -9.89
CA THR A 464 -1.63 0.46 -8.49
C THR A 464 -0.39 0.84 -7.71
N ILE A 465 0.68 0.12 -7.99
CA ILE A 465 1.92 0.33 -7.28
C ILE A 465 2.33 1.80 -7.38
N SER A 466 2.16 2.39 -8.57
CA SER A 466 2.63 3.76 -8.82
C SER A 466 1.54 4.78 -8.48
N LEU A 467 0.37 4.31 -8.07
CA LEU A 467 -0.75 5.23 -7.85
C LEU A 467 -1.07 5.36 -6.36
N SER A 468 -1.48 4.25 -5.76
CA SER A 468 -1.90 4.27 -4.37
C SER A 468 -1.03 3.35 -3.52
N GLY A 469 -0.11 2.63 -4.14
CA GLY A 469 0.71 1.65 -3.46
C GLY A 469 2.12 2.10 -3.15
N PRO A 470 3.04 1.13 -3.00
CA PRO A 470 4.43 1.35 -2.55
C PRO A 470 5.16 2.49 -3.30
N GLY A 471 4.92 2.65 -4.61
CA GLY A 471 5.58 3.69 -5.37
C GLY A 471 5.27 5.09 -4.81
N ALA A 472 4.03 5.34 -4.43
CA ALA A 472 3.69 6.64 -3.85
C ALA A 472 4.44 6.84 -2.52
N TYR A 473 4.57 5.78 -1.72
CA TYR A 473 5.28 5.90 -0.45
C TYR A 473 6.76 6.19 -0.69
N ALA A 474 7.36 5.42 -1.61
CA ALA A 474 8.79 5.54 -1.90
C ALA A 474 9.18 6.92 -2.42
N SER A 475 8.30 7.55 -3.22
CA SER A 475 8.52 8.94 -3.67
C SER A 475 8.32 9.93 -2.54
N ALA A 476 7.31 9.70 -1.69
CA ALA A 476 7.12 10.53 -0.51
C ALA A 476 8.36 10.43 0.40
N TYR A 477 8.96 9.24 0.52
CA TYR A 477 10.17 9.12 1.33
C TYR A 477 11.26 9.96 0.70
N TYR A 478 11.30 9.97 -0.63
CA TYR A 478 12.29 10.80 -1.32
C TYR A 478 12.06 12.30 -1.06
N ASP A 479 10.81 12.75 -1.18
CA ASP A 479 10.42 14.11 -0.81
C ASP A 479 11.00 14.45 0.56
N PHE A 480 10.69 13.60 1.54
CA PHE A 480 11.02 13.88 2.93
C PHE A 480 12.54 13.93 3.21
N ILE A 481 13.28 12.91 2.76
CA ILE A 481 14.73 12.81 2.96
C ILE A 481 15.46 13.96 2.29
N ASN A 482 15.02 14.33 1.08
CA ASN A 482 15.73 15.36 0.34
C ASN A 482 15.05 16.76 0.37
N LEU A 483 14.03 16.91 1.21
CA LEU A 483 13.37 18.20 1.40
C LEU A 483 12.86 18.74 0.06
N GLN A 484 12.20 17.85 -0.70
CA GLN A 484 11.61 18.17 -1.99
C GLN A 484 10.10 17.96 -1.89
N GLU A 485 9.38 18.30 -2.95
CA GLU A 485 7.96 18.01 -3.00
C GLU A 485 7.56 17.57 -4.40
N ASN A 486 6.51 16.76 -4.49
CA ASN A 486 5.98 16.31 -5.77
C ASN A 486 6.98 15.52 -6.61
N THR A 487 7.84 14.75 -5.94
CA THR A 487 8.70 13.81 -6.64
C THR A 487 7.88 12.72 -7.36
N ILE A 488 8.09 12.56 -8.67
CA ILE A 488 7.52 11.40 -9.37
C ILE A 488 8.59 10.54 -10.04
N GLU A 489 9.69 11.14 -10.48
CA GLU A 489 10.73 10.37 -11.17
C GLU A 489 11.43 9.41 -10.22
N LYS A 490 11.66 9.84 -8.98
CA LYS A 490 12.58 9.10 -8.11
C LYS A 490 11.89 8.40 -6.95
N THR A 491 12.45 7.25 -6.58
CA THR A 491 11.98 6.51 -5.42
C THR A 491 13.15 6.13 -4.52
N LEU A 492 12.88 6.10 -3.23
CA LEU A 492 13.86 5.61 -2.27
C LEU A 492 13.56 4.12 -2.01
N LYS A 493 14.62 3.35 -1.80
CA LYS A 493 14.47 1.90 -1.69
C LYS A 493 14.69 1.41 -0.26
N ALA A 494 14.34 0.17 0.02
CA ALA A 494 14.55 -0.39 1.36
C ALA A 494 15.94 -0.07 1.90
N SER A 495 16.96 -0.20 1.05
CA SER A 495 18.35 0.03 1.51
C SER A 495 18.60 1.50 1.86
N ASP A 496 17.70 2.39 1.44
CA ASP A 496 17.83 3.81 1.73
C ASP A 496 17.12 4.21 3.04
N LEU A 497 16.31 3.30 3.57
CA LEU A 497 15.27 3.66 4.56
C LEU A 497 15.31 2.87 5.87
N ILE A 498 16.50 2.45 6.29
CA ILE A 498 16.64 1.70 7.54
C ILE A 498 16.06 2.47 8.74
N GLU A 499 16.18 3.79 8.70
CA GLU A 499 15.62 4.66 9.74
C GLU A 499 14.10 4.68 9.78
N PHE A 500 13.45 4.10 8.76
CA PHE A 500 12.01 4.10 8.64
C PHE A 500 11.41 2.71 8.58
N LYS A 501 12.19 1.70 8.94
CA LYS A 501 11.72 0.32 8.81
C LYS A 501 10.72 -0.03 9.92
N PHE A 502 9.70 -0.82 9.57
CA PHE A 502 8.84 -1.43 10.58
C PHE A 502 9.73 -2.39 11.39
N PRO A 503 9.93 -2.12 12.70
CA PRO A 503 10.90 -2.92 13.47
C PRO A 503 10.70 -4.41 13.25
N GLU A 504 11.74 -5.12 12.83
CA GLU A 504 11.65 -6.52 12.44
C GLU A 504 11.08 -7.41 13.53
N ASN A 505 11.45 -7.14 14.78
CA ASN A 505 10.99 -7.93 15.91
C ASN A 505 9.48 -7.82 16.11
N ASN A 506 8.89 -6.78 15.53
CA ASN A 506 7.48 -6.49 15.76
C ASN A 506 6.55 -7.04 14.68
N LEU A 507 7.06 -7.87 13.78
CA LEU A 507 6.24 -8.32 12.65
C LEU A 507 6.76 -9.62 12.03
N SER A 508 5.85 -10.52 11.69
CA SER A 508 6.17 -11.73 10.92
C SER A 508 5.45 -11.66 9.57
N GLN A 509 6.23 -11.41 8.50
CA GLN A 509 5.69 -11.25 7.15
C GLN A 509 5.57 -12.57 6.40
N LEU A 510 6.44 -13.51 6.74
CA LEU A 510 6.45 -14.80 6.06
C LEU A 510 5.42 -15.74 6.67
N THR A 511 4.15 -15.40 6.48
CA THR A 511 3.05 -16.23 6.98
C THR A 511 2.52 -17.04 5.81
N GLU A 512 1.70 -18.03 6.10
CA GLU A 512 1.09 -18.85 5.06
C GLU A 512 0.16 -18.03 4.16
N GLN A 513 -0.75 -17.27 4.77
CA GLN A 513 -1.65 -16.45 3.97
C GLN A 513 -0.91 -15.38 3.15
N GLU A 514 0.17 -14.84 3.71
CA GLU A 514 0.97 -13.87 2.97
C GLU A 514 1.51 -14.48 1.68
N ILE A 515 2.14 -15.65 1.81
CA ILE A 515 2.83 -16.26 0.68
C ILE A 515 1.87 -16.65 -0.44
N ASN A 516 0.78 -17.35 -0.11
CA ASN A 516 -0.17 -17.72 -1.15
C ASN A 516 -1.08 -16.55 -1.54
N SER A 517 -0.67 -15.36 -1.14
CA SER A 517 -1.34 -14.12 -1.53
C SER A 517 -0.43 -13.29 -2.43
N LEU A 518 0.87 -13.48 -2.27
CA LEU A 518 1.88 -12.77 -3.07
C LEU A 518 1.89 -13.27 -4.51
N TRP A 519 0.84 -13.99 -4.90
CA TRP A 519 0.66 -14.38 -6.28
C TRP A 519 0.53 -13.11 -7.13
N SER A 520 1.41 -12.96 -8.11
CA SER A 520 1.33 -11.81 -9.00
C SER A 520 0.85 -12.25 -10.38
N PHE A 521 0.12 -11.37 -11.05
CA PHE A 521 -0.38 -11.64 -12.40
C PHE A 521 0.75 -11.46 -13.41
N ASP A 522 1.71 -12.38 -13.38
CA ASP A 522 2.81 -12.37 -14.34
C ASP A 522 2.45 -13.33 -15.48
N GLN A 523 3.37 -13.49 -16.44
CA GLN A 523 3.16 -14.42 -17.54
C GLN A 523 2.86 -15.83 -17.03
N ALA A 524 3.81 -16.39 -16.29
CA ALA A 524 3.66 -17.73 -15.73
C ALA A 524 2.30 -17.95 -15.08
N SER A 525 1.91 -17.07 -14.16
CA SER A 525 0.59 -17.18 -13.55
C SER A 525 -0.56 -17.07 -14.57
N ALA A 526 -0.36 -16.25 -15.60
CA ALA A 526 -1.37 -16.06 -16.64
C ALA A 526 -1.54 -17.35 -17.44
N LYS A 527 -0.43 -18.01 -17.72
CA LYS A 527 -0.44 -19.26 -18.48
C LYS A 527 -1.25 -20.31 -17.75
N TYR A 528 -1.03 -20.40 -16.43
CA TYR A 528 -1.70 -21.41 -15.62
C TYR A 528 -3.20 -21.13 -15.49
N GLN A 529 -3.56 -19.89 -15.13
CA GLN A 529 -4.97 -19.52 -15.07
C GLN A 529 -5.66 -19.88 -16.38
N PHE A 530 -5.03 -19.53 -17.49
CA PHE A 530 -5.62 -19.79 -18.79
C PHE A 530 -5.83 -21.29 -18.96
N GLU A 531 -4.81 -22.09 -18.67
CA GLU A 531 -4.97 -23.53 -18.80
C GLU A 531 -6.13 -24.08 -17.96
N LYS A 532 -6.28 -23.59 -16.73
CA LYS A 532 -7.43 -23.94 -15.91
C LYS A 532 -8.73 -23.57 -16.62
N TYR A 533 -8.79 -22.34 -17.13
CA TYR A 533 -9.98 -21.86 -17.85
C TYR A 533 -10.39 -22.80 -18.98
N VAL A 534 -9.40 -23.21 -19.78
CA VAL A 534 -9.64 -24.07 -20.92
C VAL A 534 -10.06 -25.48 -20.50
N ARG A 535 -9.51 -25.94 -19.39
CA ARG A 535 -9.79 -27.28 -18.88
C ARG A 535 -11.21 -27.37 -18.35
N ASP A 536 -11.65 -26.32 -17.66
CA ASP A 536 -13.03 -26.27 -17.17
C ASP A 536 -14.01 -26.13 -18.32
N TYR A 537 -13.67 -25.27 -19.27
CA TYR A 537 -14.55 -24.97 -20.40
C TYR A 537 -15.00 -26.23 -21.15
N THR A 538 -14.05 -27.09 -21.49
CA THR A 538 -14.35 -28.39 -22.09
C THR A 538 -15.54 -29.06 -21.40
MN MN B . -0.02 -10.45 0.93
#